data_5IFN
#
_entry.id   5IFN
#
_cell.length_a   61.536
_cell.length_b   63.493
_cell.length_c   67.800
_cell.angle_alpha   90.00
_cell.angle_beta   98.06
_cell.angle_gamma   90.00
#
_symmetry.space_group_name_H-M   'P 1 21 1'
#
_entity_poly.entity_id   1
_entity_poly.type   'polypeptide(L)'
_entity_poly.pdbx_seq_one_letter_code
;MGFTIDIKSFLKPGEKTYTQRCRLFVGNLPTDITEEDFKRLFERYGEPSEVFINRDRGFGFIRLESRTLAEIAKAELDGT
ILKSRPLRIRFATHGAALTVKNLSPVVSNELLEQAFSQFGPVEKAVVVVDDRGRATGKGFVEFAAKPPARKALERCGDGA
FLLTTTPRPVIVEPMEQFDDEDGLPEKLMQKTQQYHKEREQPPRFAQPGTFEFEYASRWKALDEMEKQQREQVDRNIREA
KEKLEAEMEAARHEHQLMLM
;
_entity_poly.pdbx_strand_id   A,B
#
# COMPACT_ATOMS: atom_id res chain seq x y z
N THR A 4 21.87 22.23 -0.44
CA THR A 4 20.91 23.16 0.15
C THR A 4 19.82 23.52 -0.87
N ILE A 5 18.53 23.51 -0.45
CA ILE A 5 17.40 23.78 -1.34
C ILE A 5 16.23 24.47 -0.61
N ASP A 6 15.46 25.28 -1.35
CA ASP A 6 14.28 25.99 -0.84
C ASP A 6 13.03 25.63 -1.58
N ILE A 7 11.94 25.50 -0.85
CA ILE A 7 10.59 25.23 -1.35
C ILE A 7 9.70 25.82 -0.27
N LYS A 8 8.41 25.99 -0.59
CA LYS A 8 7.31 26.25 0.30
C LYS A 8 6.07 25.51 -0.16
N SER A 9 5.23 25.10 0.81
CA SER A 9 3.98 24.34 0.69
C SER A 9 4.21 23.07 -0.07
N PHE A 10 4.76 22.14 0.69
CA PHE A 10 5.09 20.78 0.32
C PHE A 10 3.81 19.91 0.19
N LEU A 11 2.63 20.53 0.10
CA LEU A 11 1.36 19.86 -0.05
C LEU A 11 1.31 19.28 -1.44
N LYS A 12 0.74 18.07 -1.54
CA LYS A 12 0.58 17.36 -2.80
C LYS A 12 -0.75 17.80 -3.43
N PRO A 13 -0.97 17.66 -4.78
CA PRO A 13 -2.24 18.13 -5.35
C PRO A 13 -3.43 17.38 -4.78
N GLY A 14 -4.40 18.12 -4.24
CA GLY A 14 -5.60 17.55 -3.64
C GLY A 14 -5.44 17.02 -2.23
N GLU A 15 -4.23 17.19 -1.64
CA GLU A 15 -3.94 16.76 -0.25
C GLU A 15 -4.60 17.75 0.68
N LYS A 16 -5.37 17.25 1.67
CA LYS A 16 -5.94 18.12 2.68
C LYS A 16 -4.86 18.46 3.70
N THR A 17 -4.95 19.63 4.32
CA THR A 17 -3.96 20.07 5.28
C THR A 17 -4.24 19.47 6.64
N TYR A 18 -3.18 19.30 7.45
CA TYR A 18 -3.29 18.84 8.82
C TYR A 18 -4.17 17.60 8.99
N THR A 19 -3.89 16.54 8.22
CA THR A 19 -4.64 15.29 8.36
C THR A 19 -3.97 14.38 9.39
N GLN A 20 -4.53 13.18 9.67
CA GLN A 20 -3.86 12.28 10.60
C GLN A 20 -2.57 11.75 9.97
N ARG A 21 -2.44 11.81 8.64
CA ARG A 21 -1.20 11.40 7.98
C ARG A 21 -0.05 12.39 8.23
N CYS A 22 -0.37 13.57 8.81
CA CYS A 22 0.56 14.65 9.16
C CYS A 22 0.90 14.64 10.65
N ARG A 23 0.36 13.67 11.37
CA ARG A 23 0.47 13.58 12.82
C ARG A 23 1.63 12.73 13.23
N LEU A 24 2.44 13.29 14.11
CA LEU A 24 3.61 12.63 14.60
C LEU A 24 3.47 12.33 16.05
N PHE A 25 3.91 11.13 16.43
CA PHE A 25 4.05 10.72 17.80
C PHE A 25 5.48 11.15 18.17
N VAL A 26 5.65 11.75 19.36
CA VAL A 26 6.96 12.17 19.85
C VAL A 26 7.12 11.60 21.26
N GLY A 27 8.13 10.77 21.44
CA GLY A 27 8.42 10.11 22.71
C GLY A 27 9.79 10.45 23.26
N ASN A 28 10.01 10.08 24.54
CA ASN A 28 11.25 10.27 25.28
C ASN A 28 11.56 11.76 25.54
N LEU A 29 10.51 12.55 25.77
CA LEU A 29 10.60 13.98 26.07
C LEU A 29 11.01 14.23 27.53
N PRO A 30 11.68 15.35 27.87
CA PRO A 30 11.99 15.61 29.30
C PRO A 30 10.72 15.77 30.13
N THR A 31 10.73 15.39 31.41
CA THR A 31 9.55 15.49 32.30
C THR A 31 9.12 16.97 32.57
N ASP A 32 10.11 17.88 32.49
CA ASP A 32 9.97 19.33 32.65
C ASP A 32 9.32 19.98 31.42
N ILE A 33 9.04 19.17 30.35
CA ILE A 33 8.45 19.63 29.08
C ILE A 33 7.16 20.42 29.26
N THR A 34 7.14 21.63 28.70
CA THR A 34 5.96 22.48 28.69
C THR A 34 5.40 22.37 27.28
N GLU A 35 4.11 22.66 27.14
CA GLU A 35 3.43 22.67 25.85
C GLU A 35 4.07 23.71 24.89
N GLU A 36 4.54 24.86 25.43
CA GLU A 36 5.20 25.92 24.67
C GLU A 36 6.56 25.45 24.14
N ASP A 37 7.33 24.71 24.96
CA ASP A 37 8.65 24.19 24.61
C ASP A 37 8.52 23.11 23.54
N PHE A 38 7.44 22.33 23.64
CA PHE A 38 7.11 21.24 22.72
C PHE A 38 6.82 21.80 21.33
N LYS A 39 6.04 22.89 21.27
CA LYS A 39 5.71 23.60 20.04
C LYS A 39 6.99 24.19 19.44
N ARG A 40 7.86 24.73 20.33
CA ARG A 40 9.13 25.35 19.99
C ARG A 40 10.03 24.40 19.22
N LEU A 41 10.08 23.13 19.65
CA LEU A 41 10.88 22.07 19.01
C LEU A 41 10.60 21.92 17.52
N PHE A 42 9.32 22.10 17.13
CA PHE A 42 8.84 21.94 15.77
C PHE A 42 8.61 23.23 15.00
N GLU A 43 9.04 24.38 15.56
CA GLU A 43 8.96 25.75 15.00
C GLU A 43 9.29 25.83 13.49
N ARG A 44 10.36 25.17 13.07
CA ARG A 44 10.89 25.14 11.71
C ARG A 44 9.95 24.50 10.67
N TYR A 45 8.96 23.73 11.13
CA TYR A 45 8.04 23.00 10.26
C TYR A 45 6.67 23.65 10.11
N GLY A 46 6.64 24.95 10.37
CA GLY A 46 5.44 25.78 10.25
C GLY A 46 4.49 25.67 11.42
N GLU A 47 3.32 26.29 11.29
CA GLU A 47 2.30 26.29 12.35
C GLU A 47 1.74 24.88 12.62
N PRO A 48 1.64 24.41 13.87
CA PRO A 48 1.00 23.09 14.09
C PRO A 48 -0.51 23.25 14.33
N SER A 49 -1.29 22.26 14.00
CA SER A 49 -2.70 22.26 14.34
C SER A 49 -2.53 21.02 15.17
N GLU A 50 -3.17 20.93 16.31
CA GLU A 50 -3.01 19.80 17.21
C GLU A 50 -1.67 19.74 17.87
N VAL A 51 -1.74 19.91 19.16
CA VAL A 51 -0.61 19.79 20.05
C VAL A 51 -1.16 19.14 21.32
N PHE A 52 -0.60 17.98 21.64
CA PHE A 52 -0.93 17.21 22.84
C PHE A 52 0.37 16.81 23.50
N ILE A 53 0.41 16.90 24.82
CA ILE A 53 1.57 16.51 25.59
C ILE A 53 1.15 15.85 26.89
N ASN A 54 1.71 14.68 27.17
CA ASN A 54 1.50 13.99 28.43
C ASN A 54 2.83 14.12 29.17
N ARG A 55 2.92 15.17 29.98
CA ARG A 55 4.11 15.57 30.73
C ARG A 55 4.71 14.48 31.61
N ASP A 56 3.85 13.75 32.35
CA ASP A 56 4.23 12.65 33.26
C ASP A 56 4.77 11.43 32.51
N ARG A 57 4.19 11.16 31.33
CA ARG A 57 4.59 10.03 30.52
C ARG A 57 5.70 10.34 29.50
N GLY A 58 6.00 11.64 29.31
CA GLY A 58 7.06 12.09 28.41
C GLY A 58 6.84 11.85 26.94
N PHE A 59 5.58 11.99 26.49
CA PHE A 59 5.23 11.83 25.08
C PHE A 59 4.17 12.83 24.66
N GLY A 60 4.03 13.01 23.35
CA GLY A 60 3.05 13.92 22.78
C GLY A 60 2.75 13.69 21.32
N PHE A 61 1.84 14.49 20.79
CA PHE A 61 1.46 14.48 19.39
C PHE A 61 1.54 15.88 18.85
N ILE A 62 1.93 15.99 17.58
CA ILE A 62 1.96 17.24 16.86
C ILE A 62 1.56 16.96 15.44
N ARG A 63 0.75 17.84 14.90
CA ARG A 63 0.28 17.69 13.54
C ARG A 63 0.81 18.84 12.72
N LEU A 64 1.48 18.50 11.61
CA LEU A 64 2.04 19.49 10.70
C LEU A 64 1.15 19.69 9.47
N GLU A 65 1.39 20.72 8.64
CA GLU A 65 0.54 21.05 7.50
C GLU A 65 0.40 19.98 6.43
N SER A 66 1.50 19.33 6.08
CA SER A 66 1.54 18.35 5.01
C SER A 66 2.25 17.09 5.44
N ARG A 67 2.06 16.01 4.65
CA ARG A 67 2.76 14.75 4.89
C ARG A 67 4.27 14.95 4.76
N THR A 68 4.70 15.71 3.74
CA THR A 68 6.12 16.00 3.49
C THR A 68 6.81 16.74 4.66
N LEU A 69 6.15 17.75 5.27
CA LEU A 69 6.71 18.44 6.44
C LEU A 69 6.85 17.46 7.61
N ALA A 70 5.88 16.54 7.79
CA ALA A 70 5.93 15.57 8.87
C ALA A 70 7.11 14.62 8.61
N GLU A 71 7.35 14.21 7.34
CA GLU A 71 8.49 13.33 6.98
C GLU A 71 9.82 14.02 7.25
N ILE A 72 9.89 15.34 6.97
CA ILE A 72 11.07 16.18 7.19
C ILE A 72 11.34 16.31 8.67
N ALA A 73 10.32 16.70 9.47
CA ALA A 73 10.45 16.83 10.93
C ALA A 73 10.92 15.52 11.54
N LYS A 74 10.34 14.38 11.11
CA LYS A 74 10.75 13.06 11.58
C LYS A 74 12.22 12.76 11.21
N ALA A 75 12.60 12.96 9.91
CA ALA A 75 13.95 12.72 9.41
C ALA A 75 15.00 13.54 10.18
N GLU A 76 14.70 14.82 10.40
CA GLU A 76 15.61 15.74 11.08
C GLU A 76 15.70 15.57 12.58
N LEU A 77 14.53 15.38 13.23
CA LEU A 77 14.47 15.33 14.68
C LEU A 77 14.55 13.96 15.36
N ASP A 78 14.29 12.87 14.65
CA ASP A 78 14.33 11.56 15.29
C ASP A 78 15.75 11.24 15.77
N GLY A 79 15.88 11.04 17.08
CA GLY A 79 17.17 10.74 17.71
C GLY A 79 17.90 11.94 18.28
N THR A 80 17.37 13.15 18.04
CA THR A 80 17.93 14.41 18.52
C THR A 80 17.88 14.42 20.04
N ILE A 81 18.95 14.91 20.67
CA ILE A 81 19.12 14.92 22.11
C ILE A 81 18.47 16.12 22.79
N LEU A 82 17.53 15.84 23.68
CA LEU A 82 16.85 16.84 24.48
C LEU A 82 16.99 16.43 25.93
N LYS A 83 17.64 17.29 26.74
CA LYS A 83 17.93 17.06 28.15
C LYS A 83 18.51 15.65 28.38
N SER A 84 19.58 15.35 27.62
CA SER A 84 20.36 14.10 27.64
C SER A 84 19.67 12.83 27.09
N ARG A 85 18.41 12.94 26.61
CA ARG A 85 17.65 11.79 26.07
C ARG A 85 17.36 11.87 24.57
N PRO A 86 17.53 10.76 23.79
CA PRO A 86 17.24 10.83 22.35
C PRO A 86 15.74 10.75 22.08
N LEU A 87 15.22 11.69 21.28
CA LEU A 87 13.80 11.72 20.95
C LEU A 87 13.41 10.57 20.00
N ARG A 88 12.20 10.03 20.20
CA ARG A 88 11.66 8.98 19.36
C ARG A 88 10.46 9.59 18.64
N ILE A 89 10.58 9.79 17.32
CA ILE A 89 9.54 10.39 16.51
C ILE A 89 9.08 9.41 15.47
N ARG A 90 7.77 9.11 15.47
CA ARG A 90 7.17 8.16 14.55
C ARG A 90 5.86 8.71 14.07
N PHE A 91 5.39 8.27 12.90
CA PHE A 91 4.09 8.70 12.45
C PHE A 91 3.06 8.09 13.36
N ALA A 92 2.03 8.86 13.72
CA ALA A 92 0.93 8.34 14.51
C ALA A 92 0.14 7.31 13.62
N THR A 93 -0.17 6.09 14.12
CA THR A 93 -0.95 5.16 13.29
C THR A 93 -2.32 5.80 13.10
N HIS A 94 -2.84 5.77 11.84
CA HIS A 94 -4.15 6.35 11.53
C HIS A 94 -5.21 5.62 12.33
N GLY A 95 -5.88 6.37 13.19
CA GLY A 95 -6.90 5.81 14.06
C GLY A 95 -8.27 5.69 13.46
N ALA A 96 -8.49 6.25 12.26
CA ALA A 96 -9.82 6.27 11.68
C ALA A 96 -9.82 6.01 10.17
N ALA A 97 -9.11 4.97 9.74
CA ALA A 97 -8.99 4.61 8.33
C ALA A 97 -9.78 3.33 8.07
N LEU A 98 -10.48 3.29 6.96
CA LEU A 98 -11.33 2.16 6.59
C LEU A 98 -11.03 1.74 5.18
N THR A 99 -11.10 0.45 4.93
CA THR A 99 -10.95 -0.13 3.60
C THR A 99 -12.37 -0.39 3.13
N VAL A 100 -12.66 0.06 1.91
CA VAL A 100 -13.98 -0.13 1.30
C VAL A 100 -13.81 -1.06 0.11
N LYS A 101 -14.74 -2.01 -0.02
CA LYS A 101 -14.73 -3.00 -1.10
C LYS A 101 -16.11 -3.05 -1.75
N ASN A 102 -16.19 -3.73 -2.91
CA ASN A 102 -17.40 -3.92 -3.70
C ASN A 102 -17.91 -2.58 -4.25
N LEU A 103 -16.95 -1.77 -4.73
CA LEU A 103 -17.25 -0.48 -5.33
C LEU A 103 -17.58 -0.67 -6.81
N SER A 104 -18.59 0.06 -7.30
CA SER A 104 -18.93 0.07 -8.71
C SER A 104 -17.78 0.77 -9.47
N PRO A 105 -17.51 0.43 -10.75
CA PRO A 105 -16.42 1.11 -11.47
C PRO A 105 -16.64 2.61 -11.73
N VAL A 106 -17.88 3.10 -11.59
CA VAL A 106 -18.18 4.52 -11.80
C VAL A 106 -18.02 5.38 -10.53
N VAL A 107 -17.62 4.77 -9.40
CA VAL A 107 -17.41 5.53 -8.16
C VAL A 107 -16.03 6.19 -8.23
N SER A 108 -16.01 7.53 -8.14
CA SER A 108 -14.80 8.35 -8.15
C SER A 108 -14.40 8.66 -6.73
N ASN A 109 -13.19 9.26 -6.53
CA ASN A 109 -12.72 9.67 -5.20
C ASN A 109 -13.73 10.62 -4.57
N GLU A 110 -14.27 11.54 -5.38
CA GLU A 110 -15.22 12.58 -4.99
C GLU A 110 -16.55 12.01 -4.51
N LEU A 111 -17.07 11.01 -5.23
CA LEU A 111 -18.34 10.37 -4.86
C LEU A 111 -18.18 9.56 -3.55
N LEU A 112 -17.02 8.87 -3.39
CA LEU A 112 -16.68 8.11 -2.20
C LEU A 112 -16.58 9.04 -1.00
N GLU A 113 -15.96 10.22 -1.18
CA GLU A 113 -15.86 11.22 -0.12
C GLU A 113 -17.25 11.72 0.26
N GLN A 114 -18.04 12.09 -0.76
CA GLN A 114 -19.43 12.58 -0.66
C GLN A 114 -20.30 11.61 0.16
N ALA A 115 -20.19 10.31 -0.17
CA ALA A 115 -20.92 9.21 0.47
C ALA A 115 -20.53 9.08 1.92
N PHE A 116 -19.23 8.93 2.20
CA PHE A 116 -18.73 8.74 3.55
C PHE A 116 -18.82 9.93 4.48
N SER A 117 -18.95 11.14 3.92
CA SER A 117 -19.11 12.35 4.72
C SER A 117 -20.42 12.34 5.48
N GLN A 118 -21.39 11.46 5.11
CA GLN A 118 -22.66 11.29 5.81
C GLN A 118 -22.43 10.84 7.27
N PHE A 119 -21.30 10.12 7.52
CA PHE A 119 -20.93 9.60 8.82
C PHE A 119 -20.15 10.58 9.71
N GLY A 120 -19.56 11.60 9.10
CA GLY A 120 -18.73 12.58 9.77
C GLY A 120 -17.65 13.13 8.85
N PRO A 121 -16.78 14.05 9.34
CA PRO A 121 -15.75 14.65 8.46
C PRO A 121 -14.70 13.69 7.93
N VAL A 122 -14.52 13.71 6.59
CA VAL A 122 -13.59 12.85 5.86
C VAL A 122 -12.32 13.65 5.55
N GLU A 123 -11.14 13.12 5.93
CA GLU A 123 -9.84 13.73 5.60
C GLU A 123 -9.53 13.41 4.14
N LYS A 124 -9.64 12.12 3.78
CA LYS A 124 -9.31 11.65 2.44
C LYS A 124 -10.09 10.38 2.10
N ALA A 125 -10.51 10.27 0.84
CA ALA A 125 -11.17 9.09 0.28
C ALA A 125 -10.59 8.88 -1.09
N VAL A 126 -10.12 7.65 -1.33
CA VAL A 126 -9.44 7.24 -2.54
C VAL A 126 -10.05 5.99 -3.13
N VAL A 127 -10.33 6.00 -4.44
CA VAL A 127 -10.79 4.84 -5.18
C VAL A 127 -9.49 4.29 -5.75
N VAL A 128 -9.07 3.08 -5.34
CA VAL A 128 -7.79 2.49 -5.78
C VAL A 128 -7.85 2.03 -7.24
N VAL A 129 -6.85 2.43 -8.04
CA VAL A 129 -6.72 2.06 -9.45
C VAL A 129 -5.46 1.20 -9.70
N ASP A 130 -5.53 0.32 -10.73
CA ASP A 130 -4.41 -0.53 -11.12
C ASP A 130 -3.43 0.23 -12.05
N ASP A 131 -2.39 -0.48 -12.57
CA ASP A 131 -1.40 0.09 -13.51
C ASP A 131 -1.99 0.70 -14.79
N ARG A 132 -3.13 0.15 -15.28
CA ARG A 132 -3.86 0.62 -16.46
C ARG A 132 -4.71 1.88 -16.14
N GLY A 133 -4.93 2.13 -14.86
CA GLY A 133 -5.73 3.26 -14.36
C GLY A 133 -7.21 2.92 -14.22
N ARG A 134 -7.53 1.61 -14.18
CA ARG A 134 -8.89 1.09 -14.04
C ARG A 134 -9.16 0.80 -12.58
N ALA A 135 -10.42 0.98 -12.14
CA ALA A 135 -10.87 0.78 -10.75
C ALA A 135 -10.73 -0.66 -10.30
N THR A 136 -10.15 -0.86 -9.11
CA THR A 136 -9.96 -2.18 -8.55
C THR A 136 -11.23 -2.72 -7.92
N GLY A 137 -12.11 -1.80 -7.51
CA GLY A 137 -13.35 -2.08 -6.79
C GLY A 137 -13.14 -1.88 -5.29
N LYS A 138 -11.92 -1.48 -4.95
CA LYS A 138 -11.47 -1.21 -3.59
C LYS A 138 -11.14 0.27 -3.44
N GLY A 139 -11.21 0.74 -2.21
CA GLY A 139 -10.89 2.11 -1.86
C GLY A 139 -10.65 2.23 -0.37
N PHE A 140 -10.28 3.42 0.07
CA PHE A 140 -10.07 3.67 1.49
C PHE A 140 -10.67 4.99 1.87
N VAL A 141 -11.07 5.11 3.12
CA VAL A 141 -11.66 6.33 3.61
C VAL A 141 -11.00 6.63 4.95
N GLU A 142 -10.40 7.81 5.08
CA GLU A 142 -9.79 8.24 6.33
C GLU A 142 -10.61 9.40 6.90
N PHE A 143 -11.14 9.22 8.12
CA PHE A 143 -11.93 10.24 8.83
C PHE A 143 -11.02 11.04 9.76
N ALA A 144 -11.45 12.27 10.09
CA ALA A 144 -10.73 13.15 11.01
C ALA A 144 -10.66 12.55 12.41
N ALA A 145 -11.70 11.78 12.81
CA ALA A 145 -11.77 11.16 14.13
C ALA A 145 -12.32 9.74 14.10
N LYS A 146 -12.08 8.99 15.20
CA LYS A 146 -12.52 7.59 15.35
C LYS A 146 -14.03 7.41 15.46
N PRO A 147 -14.82 8.24 16.21
CA PRO A 147 -16.29 8.04 16.22
C PRO A 147 -16.95 8.01 14.84
N PRO A 148 -16.71 8.95 13.86
CA PRO A 148 -17.32 8.78 12.53
C PRO A 148 -16.91 7.49 11.81
N ALA A 149 -15.66 7.02 11.97
CA ALA A 149 -15.20 5.77 11.36
C ALA A 149 -15.97 4.56 11.93
N ARG A 150 -16.20 4.52 13.26
CA ARG A 150 -16.95 3.46 13.95
C ARG A 150 -18.40 3.45 13.48
N LYS A 151 -19.03 4.64 13.37
CA LYS A 151 -20.40 4.87 12.89
C LYS A 151 -20.53 4.26 11.47
N ALA A 152 -19.56 4.59 10.58
CA ALA A 152 -19.50 4.08 9.20
C ALA A 152 -19.32 2.57 9.21
N LEU A 153 -18.44 2.07 10.07
CA LEU A 153 -18.21 0.64 10.18
C LEU A 153 -19.46 -0.12 10.68
N GLU A 154 -20.08 0.35 11.77
CA GLU A 154 -21.28 -0.27 12.34
C GLU A 154 -22.49 -0.20 11.42
N ARG A 155 -22.84 1.00 10.92
CA ARG A 155 -23.97 1.20 10.02
C ARG A 155 -23.86 0.45 8.68
N CYS A 156 -22.66 0.39 8.08
CA CYS A 156 -22.45 -0.33 6.82
C CYS A 156 -22.40 -1.84 6.97
N GLY A 157 -22.17 -2.29 8.20
CA GLY A 157 -22.14 -3.71 8.55
C GLY A 157 -23.54 -4.25 8.75
N ASP A 158 -24.37 -3.51 9.49
CA ASP A 158 -25.75 -3.94 9.74
C ASP A 158 -26.66 -3.68 8.58
N GLY A 159 -26.65 -2.45 8.06
CA GLY A 159 -27.46 -2.06 6.92
C GLY A 159 -26.75 -2.24 5.59
N ALA A 160 -27.38 -1.81 4.51
CA ALA A 160 -26.81 -1.92 3.18
C ALA A 160 -26.54 -0.54 2.63
N PHE A 161 -25.27 -0.12 2.63
CA PHE A 161 -24.91 1.21 2.14
C PHE A 161 -24.68 1.14 0.64
N LEU A 162 -25.44 1.95 -0.12
CA LEU A 162 -25.37 1.93 -1.58
C LEU A 162 -24.80 3.22 -2.09
N LEU A 163 -23.90 3.18 -3.08
CA LEU A 163 -23.30 4.42 -3.61
C LEU A 163 -23.88 4.79 -4.95
N THR A 164 -24.49 3.80 -5.61
CA THR A 164 -25.05 3.90 -6.94
C THR A 164 -26.51 3.47 -6.98
N THR A 165 -27.15 3.64 -8.17
CA THR A 165 -28.53 3.24 -8.45
C THR A 165 -28.66 1.73 -8.17
N THR A 166 -27.81 0.89 -8.83
CA THR A 166 -27.80 -0.55 -8.61
C THR A 166 -27.49 -0.86 -7.14
N PRO A 167 -28.37 -1.62 -6.45
CA PRO A 167 -28.14 -1.90 -5.02
C PRO A 167 -27.02 -2.91 -4.73
N ARG A 168 -25.79 -2.51 -5.09
CA ARG A 168 -24.55 -3.22 -4.85
C ARG A 168 -24.04 -2.64 -3.50
N PRO A 169 -24.11 -3.39 -2.36
CA PRO A 169 -23.69 -2.80 -1.09
C PRO A 169 -22.18 -2.75 -0.91
N VAL A 170 -21.74 -1.69 -0.25
CA VAL A 170 -20.34 -1.47 0.00
C VAL A 170 -19.89 -2.24 1.25
N ILE A 171 -18.71 -2.88 1.16
CA ILE A 171 -18.09 -3.68 2.23
C ILE A 171 -17.11 -2.79 2.97
N VAL A 172 -17.40 -2.49 4.24
CA VAL A 172 -16.54 -1.60 5.03
C VAL A 172 -15.84 -2.40 6.13
N GLU A 173 -14.50 -2.33 6.16
CA GLU A 173 -13.65 -3.03 7.13
C GLU A 173 -12.62 -2.04 7.65
N PRO A 174 -12.08 -2.20 8.89
CA PRO A 174 -10.99 -1.30 9.31
C PRO A 174 -9.78 -1.51 8.39
N MET A 175 -9.05 -0.41 8.06
CA MET A 175 -7.87 -0.51 7.20
C MET A 175 -6.79 -1.26 7.95
N GLU A 176 -6.26 -2.32 7.33
CA GLU A 176 -5.20 -3.10 7.96
C GLU A 176 -3.93 -2.27 7.80
N GLN A 177 -3.22 -2.05 8.93
CA GLN A 177 -2.02 -1.24 8.92
C GLN A 177 -0.79 -2.07 8.67
N PHE A 178 -0.08 -1.73 7.60
CA PHE A 178 1.14 -2.40 7.19
C PHE A 178 2.19 -1.37 6.87
N ASP A 179 3.40 -1.67 7.32
CA ASP A 179 4.52 -0.80 7.13
C ASP A 179 5.38 -1.38 6.03
N ASP A 180 5.55 -0.61 4.95
CA ASP A 180 6.34 -0.96 3.77
C ASP A 180 7.68 -0.15 3.78
N GLU A 181 7.98 0.56 4.90
CA GLU A 181 9.16 1.40 5.02
C GLU A 181 10.21 0.86 5.98
N ASP A 182 9.85 0.64 7.26
CA ASP A 182 10.77 0.15 8.28
C ASP A 182 10.92 -1.38 8.24
N GLY A 183 9.78 -2.08 8.13
CA GLY A 183 9.67 -3.52 8.01
C GLY A 183 10.12 -4.29 9.22
N LEU A 184 11.03 -5.26 9.02
CA LEU A 184 11.60 -6.07 10.09
C LEU A 184 13.11 -5.90 10.30
N PRO A 185 13.52 -4.85 11.05
CA PRO A 185 14.96 -4.67 11.30
C PRO A 185 15.48 -5.72 12.25
N GLU A 186 16.76 -6.06 12.07
CA GLU A 186 17.51 -7.02 12.87
C GLU A 186 17.47 -6.64 14.36
N LYS A 187 17.60 -5.33 14.69
CA LYS A 187 17.55 -4.81 16.07
C LYS A 187 16.24 -5.08 16.81
N LEU A 188 15.11 -5.18 16.10
CA LEU A 188 13.82 -5.44 16.72
C LEU A 188 13.47 -6.94 16.77
N MET A 189 14.30 -7.77 16.14
CA MET A 189 14.11 -9.20 16.06
C MET A 189 14.84 -9.96 17.20
N GLN A 190 14.08 -10.73 18.00
CA GLN A 190 14.67 -11.49 19.10
C GLN A 190 15.56 -12.64 18.58
N LYS A 191 16.78 -12.77 19.15
CA LYS A 191 17.75 -13.79 18.76
C LYS A 191 17.51 -15.09 19.53
N THR A 192 16.34 -15.69 19.27
CA THR A 192 15.89 -16.94 19.89
C THR A 192 16.66 -18.14 19.30
N GLN A 193 16.52 -19.32 19.91
CA GLN A 193 17.13 -20.58 19.45
C GLN A 193 16.63 -20.91 18.05
N GLN A 194 15.32 -20.68 17.81
CA GLN A 194 14.63 -20.95 16.54
C GLN A 194 15.18 -20.07 15.45
N TYR A 195 15.38 -18.75 15.74
CA TYR A 195 15.98 -17.76 14.83
C TYR A 195 17.35 -18.33 14.38
N HIS A 196 18.17 -18.69 15.36
CA HIS A 196 19.50 -19.24 15.14
C HIS A 196 19.52 -20.53 14.36
N LYS A 197 18.58 -21.46 14.67
CA LYS A 197 18.48 -22.74 14.00
C LYS A 197 18.03 -22.55 12.58
N GLU A 198 17.07 -21.63 12.35
CA GLU A 198 16.60 -21.33 10.99
C GLU A 198 17.63 -20.61 10.15
N ARG A 199 18.48 -19.77 10.75
CA ARG A 199 19.52 -19.07 10.00
C ARG A 199 20.81 -19.90 9.77
N GLU A 200 20.88 -21.15 10.31
CA GLU A 200 22.04 -22.06 10.17
C GLU A 200 22.43 -22.27 8.72
N GLN A 201 21.44 -22.64 7.88
CA GLN A 201 21.64 -22.88 6.45
C GLN A 201 21.40 -21.59 5.70
N PRO A 202 22.35 -21.19 4.83
CA PRO A 202 22.19 -19.93 4.09
C PRO A 202 21.15 -20.01 2.97
N PRO A 203 20.70 -18.85 2.43
CA PRO A 203 19.79 -18.91 1.29
C PRO A 203 20.44 -19.66 0.12
N ARG A 204 19.66 -20.57 -0.46
CA ARG A 204 20.15 -21.46 -1.50
C ARG A 204 19.00 -22.05 -2.30
N PHE A 205 19.34 -22.61 -3.47
CA PHE A 205 18.36 -23.32 -4.26
C PHE A 205 18.37 -24.75 -3.81
N ALA A 206 17.16 -25.30 -3.56
CA ALA A 206 16.95 -26.69 -3.20
C ALA A 206 17.32 -27.50 -4.42
N GLN A 207 18.21 -28.47 -4.23
CA GLN A 207 18.72 -29.29 -5.31
C GLN A 207 17.74 -30.42 -5.67
N PRO A 208 17.34 -30.56 -6.96
CA PRO A 208 16.44 -31.66 -7.35
C PRO A 208 16.91 -33.03 -6.86
N GLY A 209 15.99 -33.82 -6.32
CA GLY A 209 16.29 -35.16 -5.81
C GLY A 209 16.51 -35.20 -4.31
N THR A 210 16.96 -34.08 -3.70
CA THR A 210 17.23 -34.02 -2.25
C THR A 210 16.00 -34.00 -1.41
N PHE A 211 16.15 -34.27 -0.09
CA PHE A 211 15.04 -34.20 0.87
C PHE A 211 14.48 -32.78 0.88
N GLU A 212 15.36 -31.75 0.86
CA GLU A 212 14.94 -30.34 0.87
C GLU A 212 14.05 -30.04 -0.31
N PHE A 213 14.46 -30.49 -1.51
CA PHE A 213 13.71 -30.27 -2.74
C PHE A 213 12.38 -30.93 -2.72
N GLU A 214 12.29 -32.17 -2.19
CA GLU A 214 11.04 -32.93 -2.08
C GLU A 214 10.08 -32.19 -1.17
N TYR A 215 10.56 -31.66 -0.03
CA TYR A 215 9.73 -30.90 0.89
C TYR A 215 9.30 -29.56 0.26
N ALA A 216 10.23 -28.86 -0.39
CA ALA A 216 9.92 -27.62 -1.06
C ALA A 216 8.95 -27.85 -2.25
N SER A 217 9.02 -29.02 -2.93
CA SER A 217 8.08 -29.36 -4.04
C SER A 217 6.68 -29.55 -3.48
N ARG A 218 6.57 -30.15 -2.28
CA ARG A 218 5.31 -30.37 -1.56
C ARG A 218 4.71 -29.03 -1.10
N TRP A 219 5.56 -28.06 -0.72
CA TRP A 219 5.12 -26.72 -0.36
C TRP A 219 4.62 -25.99 -1.62
N LYS A 220 5.30 -26.18 -2.79
CA LYS A 220 4.85 -25.60 -4.07
C LYS A 220 3.48 -26.18 -4.46
N ALA A 221 3.31 -27.51 -4.26
CA ALA A 221 2.05 -28.20 -4.51
C ALA A 221 0.92 -27.71 -3.57
N LEU A 222 1.24 -27.36 -2.31
CA LEU A 222 0.29 -26.82 -1.33
C LEU A 222 -0.16 -25.38 -1.76
N ASP A 223 0.77 -24.60 -2.33
CA ASP A 223 0.50 -23.27 -2.87
C ASP A 223 -0.37 -23.38 -4.13
N GLU A 224 -0.22 -24.48 -4.88
CA GLU A 224 -1.04 -24.76 -6.07
C GLU A 224 -2.47 -25.15 -5.65
N MET A 225 -2.63 -25.93 -4.54
CA MET A 225 -3.92 -26.32 -3.94
C MET A 225 -4.66 -25.06 -3.47
N GLU A 226 -3.94 -24.10 -2.84
CA GLU A 226 -4.51 -22.83 -2.40
C GLU A 226 -5.07 -22.09 -3.60
N LYS A 227 -4.28 -21.98 -4.70
CA LYS A 227 -4.71 -21.32 -5.94
C LYS A 227 -5.96 -22.00 -6.51
N GLN A 228 -5.98 -23.35 -6.57
CA GLN A 228 -7.12 -24.12 -7.08
C GLN A 228 -8.39 -23.91 -6.27
N GLN A 229 -8.25 -23.92 -4.93
CA GLN A 229 -9.38 -23.74 -3.99
C GLN A 229 -9.96 -22.32 -4.10
N ARG A 230 -9.08 -21.31 -4.18
CA ARG A 230 -9.50 -19.93 -4.31
C ARG A 230 -10.20 -19.70 -5.65
N GLU A 231 -9.74 -20.36 -6.74
CA GLU A 231 -10.38 -20.27 -8.04
C GLU A 231 -11.72 -20.98 -8.01
N GLN A 232 -11.83 -22.06 -7.22
CA GLN A 232 -13.08 -22.78 -7.05
C GLN A 232 -14.11 -21.90 -6.31
N VAL A 233 -13.67 -21.09 -5.33
CA VAL A 233 -14.51 -20.13 -4.58
C VAL A 233 -15.03 -19.04 -5.55
N ASP A 234 -14.14 -18.50 -6.43
CA ASP A 234 -14.48 -17.50 -7.46
C ASP A 234 -15.58 -18.04 -8.38
N ARG A 235 -15.47 -19.31 -8.74
CA ARG A 235 -16.43 -20.01 -9.60
C ARG A 235 -17.79 -20.14 -8.91
N ASN A 236 -17.79 -20.55 -7.61
CA ASN A 236 -19.00 -20.72 -6.78
C ASN A 236 -19.70 -19.39 -6.66
N ILE A 237 -18.92 -18.32 -6.52
CA ILE A 237 -19.46 -16.97 -6.38
C ILE A 237 -20.10 -16.46 -7.66
N ARG A 238 -19.50 -16.75 -8.85
CA ARG A 238 -20.07 -16.36 -10.16
C ARG A 238 -21.39 -17.05 -10.39
N GLU A 239 -21.47 -18.35 -10.02
CA GLU A 239 -22.68 -19.14 -10.18
C GLU A 239 -23.78 -18.61 -9.26
N ALA A 240 -23.42 -18.30 -7.99
CA ALA A 240 -24.36 -17.78 -6.98
C ALA A 240 -24.88 -16.39 -7.36
N LYS A 241 -24.00 -15.53 -7.92
CA LYS A 241 -24.34 -14.17 -8.38
C LYS A 241 -25.30 -14.26 -9.57
N GLU A 242 -25.03 -15.17 -10.54
CA GLU A 242 -25.90 -15.38 -11.70
C GLU A 242 -27.30 -15.83 -11.23
N LYS A 243 -27.33 -16.75 -10.25
CA LYS A 243 -28.56 -17.27 -9.66
C LYS A 243 -29.36 -16.13 -8.97
N LEU A 244 -28.65 -15.30 -8.18
CA LEU A 244 -29.24 -14.18 -7.43
C LEU A 244 -29.82 -13.18 -8.39
N GLU A 245 -29.06 -12.82 -9.46
CA GLU A 245 -29.52 -11.88 -10.47
C GLU A 245 -30.80 -12.32 -11.14
N ALA A 246 -30.91 -13.61 -11.53
CA ALA A 246 -32.14 -14.12 -12.15
C ALA A 246 -33.34 -14.02 -11.17
N GLU A 247 -33.11 -14.45 -9.93
CA GLU A 247 -34.10 -14.44 -8.86
C GLU A 247 -34.57 -13.02 -8.53
N MET A 248 -33.63 -12.06 -8.55
CA MET A 248 -33.92 -10.66 -8.26
C MET A 248 -34.62 -9.92 -9.39
N GLU A 249 -34.48 -10.40 -10.65
CA GLU A 249 -35.20 -9.85 -11.79
C GLU A 249 -36.69 -10.27 -11.65
N ALA A 250 -36.90 -11.49 -11.18
CA ALA A 250 -38.23 -12.01 -10.90
C ALA A 250 -38.82 -11.28 -9.69
N ALA A 251 -37.99 -11.08 -8.62
CA ALA A 251 -38.38 -10.37 -7.39
C ALA A 251 -38.65 -8.88 -7.63
N ARG A 252 -37.98 -8.27 -8.65
CA ARG A 252 -38.22 -6.87 -9.03
C ARG A 252 -39.64 -6.75 -9.56
N HIS A 253 -40.03 -7.67 -10.48
CA HIS A 253 -41.38 -7.74 -11.06
C HIS A 253 -42.44 -7.91 -9.97
N GLU A 254 -42.18 -8.81 -9.00
CA GLU A 254 -43.05 -9.10 -7.86
C GLU A 254 -43.25 -7.84 -7.04
N HIS A 255 -42.15 -7.18 -6.63
CA HIS A 255 -42.16 -5.93 -5.86
C HIS A 255 -42.98 -4.84 -6.56
N GLN A 256 -42.74 -4.65 -7.88
CA GLN A 256 -43.45 -3.64 -8.67
C GLN A 256 -44.94 -3.94 -8.79
N LEU A 257 -45.30 -5.23 -9.01
CA LEU A 257 -46.70 -5.64 -9.12
C LEU A 257 -47.54 -5.55 -7.82
N MET A 258 -46.88 -5.46 -6.63
CA MET A 258 -47.56 -5.33 -5.32
C MET A 258 -48.15 -3.92 -5.12
N LEU A 259 -47.53 -2.91 -5.77
CA LEU A 259 -47.90 -1.50 -5.65
C LEU A 259 -49.08 -1.09 -6.56
N MET A 260 -50.17 -0.51 -5.98
CA MET A 260 -51.38 -0.10 -6.73
C MET A 260 -51.94 1.25 -6.25
N THR B 4 8.36 29.79 3.76
CA THR B 4 9.69 29.58 3.15
C THR B 4 10.57 28.66 4.04
N ILE B 5 11.17 27.61 3.44
CA ILE B 5 11.98 26.64 4.20
C ILE B 5 13.12 26.01 3.38
N ASP B 6 14.23 25.69 4.07
CA ASP B 6 15.43 25.02 3.55
C ASP B 6 15.74 23.76 4.27
N ILE B 7 16.18 22.74 3.51
CA ILE B 7 16.57 21.43 4.00
C ILE B 7 17.62 20.99 3.00
N LYS B 8 18.34 19.90 3.34
CA LYS B 8 19.20 19.10 2.49
C LYS B 8 19.08 17.64 2.84
N SER B 9 19.17 16.78 1.80
CA SER B 9 19.08 15.33 1.81
C SER B 9 17.75 14.83 2.36
N PHE B 10 16.73 14.84 1.47
CA PHE B 10 15.37 14.37 1.77
C PHE B 10 15.28 12.84 1.78
N LEU B 11 16.44 12.14 1.91
CA LEU B 11 16.52 10.68 1.96
C LEU B 11 15.90 10.19 3.24
N LYS B 12 15.19 9.06 3.14
CA LYS B 12 14.52 8.43 4.27
C LYS B 12 15.52 7.48 4.95
N PRO B 13 15.38 7.12 6.26
CA PRO B 13 16.39 6.23 6.87
C PRO B 13 16.35 4.85 6.21
N GLY B 14 17.49 4.37 5.75
CA GLY B 14 17.51 3.08 5.07
C GLY B 14 17.22 3.13 3.59
N GLU B 15 16.94 4.33 3.04
CA GLU B 15 16.70 4.55 1.61
C GLU B 15 18.06 4.64 0.93
N LYS B 16 18.27 3.83 -0.10
CA LYS B 16 19.50 3.91 -0.89
C LYS B 16 19.29 5.04 -1.91
N THR B 17 20.37 5.68 -2.32
CA THR B 17 20.30 6.80 -3.25
C THR B 17 20.07 6.34 -4.66
N TYR B 18 19.51 7.21 -5.47
CA TYR B 18 19.30 6.99 -6.89
C TYR B 18 18.65 5.68 -7.23
N THR B 19 17.58 5.36 -6.48
CA THR B 19 16.77 4.15 -6.67
C THR B 19 15.88 4.32 -7.94
N GLN B 20 15.29 3.23 -8.46
CA GLN B 20 14.42 3.29 -9.64
C GLN B 20 13.11 4.08 -9.34
N ARG B 21 12.78 4.29 -8.05
CA ARG B 21 11.63 5.05 -7.54
C ARG B 21 11.86 6.53 -7.80
N CYS B 22 13.11 6.93 -8.04
CA CYS B 22 13.49 8.29 -8.35
C CYS B 22 13.60 8.50 -9.88
N ARG B 23 13.18 7.49 -10.64
CA ARG B 23 13.17 7.55 -12.10
C ARG B 23 11.93 8.33 -12.44
N LEU B 24 12.17 9.50 -13.01
CA LEU B 24 11.10 10.40 -13.41
C LEU B 24 11.00 10.47 -14.92
N PHE B 25 9.90 9.98 -15.49
CA PHE B 25 9.69 10.13 -16.92
C PHE B 25 9.28 11.60 -17.21
N VAL B 26 9.77 12.18 -18.32
CA VAL B 26 9.44 13.55 -18.72
C VAL B 26 8.85 13.53 -20.13
N GLY B 27 7.65 14.09 -20.27
CA GLY B 27 6.99 14.13 -21.56
C GLY B 27 6.67 15.52 -22.05
N ASN B 28 6.36 15.68 -23.37
CA ASN B 28 6.03 16.95 -24.02
C ASN B 28 7.22 17.91 -24.09
N LEU B 29 8.43 17.34 -24.24
CA LEU B 29 9.66 18.11 -24.37
C LEU B 29 9.82 18.69 -25.77
N PRO B 30 10.52 19.85 -25.95
CA PRO B 30 10.73 20.38 -27.32
C PRO B 30 11.55 19.42 -28.19
N THR B 31 11.30 19.40 -29.50
CA THR B 31 12.01 18.51 -30.43
C THR B 31 13.52 18.83 -30.54
N ASP B 32 13.87 20.11 -30.33
CA ASP B 32 15.22 20.67 -30.31
C ASP B 32 15.97 20.29 -29.04
N ILE B 33 15.32 19.59 -28.07
CA ILE B 33 15.90 19.17 -26.79
C ILE B 33 17.21 18.41 -26.93
N THR B 34 18.23 18.90 -26.22
CA THR B 34 19.53 18.24 -26.14
C THR B 34 19.59 17.60 -24.77
N GLU B 35 20.46 16.60 -24.62
CA GLU B 35 20.69 15.92 -23.35
C GLU B 35 21.17 16.90 -22.24
N GLU B 36 21.99 17.91 -22.62
CA GLU B 36 22.50 18.93 -21.70
C GLU B 36 21.37 19.86 -21.21
N ASP B 37 20.44 20.22 -22.12
CA ASP B 37 19.32 21.10 -21.80
C ASP B 37 18.33 20.40 -20.89
N PHE B 38 18.18 19.06 -21.10
CA PHE B 38 17.31 18.17 -20.33
C PHE B 38 17.79 18.09 -18.88
N LYS B 39 19.12 17.93 -18.70
CA LYS B 39 19.76 17.89 -17.39
C LYS B 39 19.58 19.26 -16.70
N ARG B 40 19.73 20.35 -17.49
CA ARG B 40 19.60 21.73 -17.05
C ARG B 40 18.23 21.99 -16.40
N LEU B 41 17.15 21.44 -16.98
CA LEU B 41 15.79 21.58 -16.47
C LEU B 41 15.64 21.15 -15.01
N PHE B 42 16.38 20.10 -14.62
CA PHE B 42 16.33 19.49 -13.29
C PHE B 42 17.49 19.86 -12.37
N GLU B 43 18.31 20.86 -12.79
CA GLU B 43 19.47 21.43 -12.05
C GLU B 43 19.23 21.63 -10.53
N ARG B 44 18.06 22.19 -10.17
CA ARG B 44 17.64 22.51 -8.81
C ARG B 44 17.47 21.28 -7.88
N TYR B 45 17.34 20.08 -8.46
CA TYR B 45 17.10 18.85 -7.71
C TYR B 45 18.33 18.00 -7.50
N GLY B 46 19.48 18.66 -7.55
CA GLY B 46 20.78 18.04 -7.35
C GLY B 46 21.33 17.30 -8.54
N GLU B 47 22.44 16.59 -8.34
CA GLU B 47 23.09 15.78 -9.37
C GLU B 47 22.14 14.66 -9.90
N PRO B 48 21.83 14.72 -11.21
CA PRO B 48 20.90 13.73 -11.79
C PRO B 48 21.63 12.41 -12.05
N SER B 49 20.95 11.44 -12.69
CA SER B 49 21.53 10.14 -13.05
C SER B 49 20.63 9.43 -14.01
N GLU B 50 21.16 8.51 -14.81
CA GLU B 50 20.40 7.68 -15.78
C GLU B 50 19.60 8.54 -16.74
N VAL B 51 20.29 9.53 -17.30
CA VAL B 51 19.70 10.49 -18.21
C VAL B 51 19.52 9.84 -19.59
N PHE B 52 18.29 9.83 -20.06
CA PHE B 52 17.88 9.32 -21.35
C PHE B 52 16.88 10.29 -21.96
N ILE B 53 17.03 10.55 -23.25
CA ILE B 53 16.14 11.43 -23.99
C ILE B 53 15.86 10.87 -25.37
N ASN B 54 14.57 10.79 -25.73
CA ASN B 54 14.16 10.38 -27.07
C ASN B 54 13.67 11.65 -27.74
N ARG B 55 14.58 12.28 -28.45
CA ARG B 55 14.43 13.56 -29.13
C ARG B 55 13.25 13.65 -30.08
N ASP B 56 13.04 12.59 -30.89
CA ASP B 56 11.95 12.44 -31.88
C ASP B 56 10.59 12.30 -31.22
N ARG B 57 10.57 11.57 -30.10
CA ARG B 57 9.33 11.31 -29.37
C ARG B 57 9.01 12.36 -28.30
N GLY B 58 9.98 13.21 -27.97
CA GLY B 58 9.83 14.31 -27.00
C GLY B 58 9.62 13.87 -25.56
N PHE B 59 10.30 12.79 -25.15
CA PHE B 59 10.24 12.29 -23.78
C PHE B 59 11.63 11.83 -23.30
N GLY B 60 11.82 11.87 -21.98
CA GLY B 60 13.08 11.51 -21.36
C GLY B 60 12.99 10.97 -19.96
N PHE B 61 13.90 10.03 -19.65
CA PHE B 61 14.01 9.41 -18.33
C PHE B 61 15.16 10.03 -17.55
N ILE B 62 14.88 10.39 -16.32
CA ILE B 62 15.87 10.97 -15.42
C ILE B 62 15.64 10.31 -14.06
N ARG B 63 16.56 10.51 -13.14
CA ARG B 63 16.53 9.89 -11.83
C ARG B 63 17.18 10.85 -10.88
N LEU B 64 16.73 10.87 -9.63
CA LEU B 64 17.25 11.82 -8.66
C LEU B 64 17.75 11.15 -7.39
N GLU B 65 18.41 11.89 -6.50
CA GLU B 65 19.00 11.29 -5.30
C GLU B 65 18.04 10.54 -4.40
N SER B 66 16.88 11.09 -4.17
CA SER B 66 15.91 10.43 -3.30
C SER B 66 14.53 10.46 -3.94
N ARG B 67 13.58 9.67 -3.37
CA ARG B 67 12.17 9.63 -3.80
C ARG B 67 11.52 11.01 -3.61
N THR B 68 11.80 11.66 -2.44
CA THR B 68 11.29 12.99 -2.10
C THR B 68 11.70 14.08 -3.10
N LEU B 69 12.97 14.10 -3.56
CA LEU B 69 13.40 15.05 -4.61
C LEU B 69 12.63 14.80 -5.92
N ALA B 70 12.38 13.52 -6.28
CA ALA B 70 11.63 13.22 -7.48
C ALA B 70 10.19 13.72 -7.32
N GLU B 71 9.58 13.59 -6.12
CA GLU B 71 8.22 14.08 -5.85
C GLU B 71 8.15 15.61 -5.94
N ILE B 72 9.23 16.30 -5.48
CA ILE B 72 9.37 17.76 -5.52
C ILE B 72 9.50 18.22 -6.95
N ALA B 73 10.43 17.61 -7.74
CA ALA B 73 10.63 17.93 -9.15
C ALA B 73 9.34 17.76 -9.92
N LYS B 74 8.60 16.67 -9.68
CA LYS B 74 7.29 16.44 -10.31
C LYS B 74 6.27 17.52 -9.91
N ALA B 75 6.12 17.79 -8.59
CA ALA B 75 5.20 18.80 -8.06
C ALA B 75 5.46 20.20 -8.64
N GLU B 76 6.75 20.59 -8.72
CA GLU B 76 7.16 21.89 -9.21
C GLU B 76 7.12 22.05 -10.70
N LEU B 77 7.59 21.01 -11.43
CA LEU B 77 7.72 21.07 -12.87
C LEU B 77 6.57 20.57 -13.72
N ASP B 78 5.66 19.75 -13.18
CA ASP B 78 4.55 19.25 -13.96
C ASP B 78 3.62 20.39 -14.41
N GLY B 79 3.52 20.55 -15.72
CA GLY B 79 2.70 21.59 -16.33
C GLY B 79 3.46 22.83 -16.72
N THR B 80 4.76 22.92 -16.34
CA THR B 80 5.64 24.04 -16.66
C THR B 80 5.82 24.15 -18.16
N ILE B 81 5.79 25.37 -18.70
CA ILE B 81 5.86 25.64 -20.13
C ILE B 81 7.28 25.71 -20.66
N LEU B 82 7.58 24.82 -21.61
CA LEU B 82 8.86 24.78 -22.29
C LEU B 82 8.57 24.80 -23.78
N LYS B 83 9.08 25.85 -24.47
CA LYS B 83 8.87 26.10 -25.90
C LYS B 83 7.40 25.92 -26.28
N SER B 84 6.54 26.67 -25.56
CA SER B 84 5.08 26.73 -25.71
C SER B 84 4.27 25.49 -25.32
N ARG B 85 4.92 24.41 -24.82
CA ARG B 85 4.23 23.18 -24.45
C ARG B 85 4.29 22.87 -22.96
N PRO B 86 3.16 22.43 -22.33
CA PRO B 86 3.22 22.08 -20.90
C PRO B 86 3.85 20.71 -20.69
N LEU B 87 4.85 20.62 -19.80
CA LEU B 87 5.54 19.37 -19.49
C LEU B 87 4.64 18.38 -18.74
N ARG B 88 4.75 17.09 -19.11
CA ARG B 88 4.04 15.93 -18.56
C ARG B 88 5.08 15.17 -17.73
N ILE B 89 5.05 15.35 -16.40
CA ILE B 89 6.01 14.71 -15.52
C ILE B 89 5.37 13.71 -14.60
N ARG B 90 5.84 12.46 -14.67
CA ARG B 90 5.39 11.31 -13.89
C ARG B 90 6.57 10.38 -13.64
N PHE B 91 6.33 9.36 -12.81
CA PHE B 91 7.29 8.34 -12.45
C PHE B 91 7.22 7.21 -13.45
N ALA B 92 8.38 6.59 -13.72
CA ALA B 92 8.48 5.43 -14.59
C ALA B 92 8.47 4.18 -13.71
N THR B 93 7.38 3.42 -13.85
CA THR B 93 6.98 2.25 -13.06
C THR B 93 8.07 1.18 -12.94
N HIS B 94 8.38 0.81 -11.68
CA HIS B 94 9.41 -0.15 -11.29
C HIS B 94 9.17 -1.55 -11.88
N GLY B 95 9.88 -1.82 -12.99
CA GLY B 95 9.85 -3.13 -13.62
C GLY B 95 10.44 -4.19 -12.69
N ALA B 96 11.57 -3.83 -12.05
CA ALA B 96 12.33 -4.67 -11.12
C ALA B 96 11.74 -4.90 -9.70
N ALA B 97 10.46 -4.55 -9.47
CA ALA B 97 9.82 -4.73 -8.16
C ALA B 97 9.23 -6.13 -7.99
N LEU B 98 9.43 -6.77 -6.81
CA LEU B 98 8.89 -8.10 -6.61
C LEU B 98 8.24 -8.22 -5.27
N THR B 99 7.12 -8.94 -5.21
CA THR B 99 6.41 -9.27 -3.99
C THR B 99 6.86 -10.67 -3.63
N VAL B 100 7.30 -10.85 -2.39
CA VAL B 100 7.74 -12.15 -1.90
C VAL B 100 6.73 -12.62 -0.85
N LYS B 101 6.38 -13.91 -0.90
CA LYS B 101 5.42 -14.53 0.00
C LYS B 101 6.01 -15.82 0.55
N ASN B 102 5.35 -16.38 1.59
CA ASN B 102 5.73 -17.61 2.27
C ASN B 102 7.07 -17.45 3.00
N LEU B 103 7.23 -16.29 3.64
CA LEU B 103 8.41 -15.99 4.43
C LEU B 103 8.23 -16.56 5.83
N SER B 104 9.31 -17.14 6.36
CA SER B 104 9.37 -17.62 7.74
C SER B 104 9.30 -16.37 8.66
N PRO B 105 8.74 -16.48 9.89
CA PRO B 105 8.68 -15.31 10.77
C PRO B 105 10.03 -14.76 11.21
N VAL B 106 11.10 -15.56 11.12
CA VAL B 106 12.44 -15.14 11.51
C VAL B 106 13.22 -14.43 10.38
N VAL B 107 12.62 -14.26 9.18
CA VAL B 107 13.28 -13.58 8.09
C VAL B 107 13.16 -12.07 8.32
N SER B 108 14.30 -11.38 8.45
CA SER B 108 14.41 -9.95 8.65
C SER B 108 14.65 -9.29 7.31
N ASN B 109 14.61 -7.93 7.26
CA ASN B 109 14.88 -7.15 6.05
C ASN B 109 16.27 -7.51 5.52
N GLU B 110 17.24 -7.64 6.44
CA GLU B 110 18.65 -7.91 6.17
C GLU B 110 18.86 -9.28 5.54
N LEU B 111 18.15 -10.29 6.06
CA LEU B 111 18.27 -11.65 5.53
C LEU B 111 17.64 -11.76 4.13
N LEU B 112 16.50 -11.06 3.92
CA LEU B 112 15.80 -11.00 2.64
C LEU B 112 16.69 -10.32 1.61
N GLU B 113 17.39 -9.23 2.00
CA GLU B 113 18.31 -8.53 1.11
C GLU B 113 19.48 -9.44 0.75
N GLN B 114 20.06 -10.10 1.76
CA GLN B 114 21.18 -11.04 1.67
C GLN B 114 20.88 -12.17 0.68
N ALA B 115 19.65 -12.72 0.73
CA ALA B 115 19.17 -13.80 -0.11
C ALA B 115 18.95 -13.36 -1.55
N PHE B 116 18.25 -12.26 -1.72
CA PHE B 116 17.97 -11.76 -3.05
C PHE B 116 19.14 -11.18 -3.80
N SER B 117 20.20 -10.78 -3.05
CA SER B 117 21.40 -10.25 -3.65
C SER B 117 22.13 -11.31 -4.50
N GLN B 118 21.79 -12.60 -4.31
CA GLN B 118 22.35 -13.70 -5.10
C GLN B 118 22.00 -13.57 -6.60
N PHE B 119 20.88 -12.90 -6.89
CA PHE B 119 20.40 -12.67 -8.26
C PHE B 119 20.96 -11.41 -8.93
N GLY B 120 21.47 -10.48 -8.14
CA GLY B 120 21.99 -9.20 -8.60
C GLY B 120 21.83 -8.12 -7.54
N PRO B 121 22.24 -6.86 -7.84
CA PRO B 121 22.15 -5.80 -6.79
C PRO B 121 20.74 -5.41 -6.36
N VAL B 122 20.52 -5.40 -5.03
CA VAL B 122 19.24 -5.07 -4.40
C VAL B 122 19.25 -3.62 -3.92
N GLU B 123 18.24 -2.82 -4.33
CA GLU B 123 18.08 -1.44 -3.86
C GLU B 123 17.47 -1.46 -2.46
N LYS B 124 16.38 -2.23 -2.30
CA LYS B 124 15.64 -2.32 -1.05
C LYS B 124 14.92 -3.64 -0.94
N ALA B 125 14.90 -4.20 0.27
CA ALA B 125 14.17 -5.42 0.63
C ALA B 125 13.55 -5.17 1.99
N VAL B 126 12.24 -5.39 2.05
CA VAL B 126 11.44 -5.13 3.24
C VAL B 126 10.58 -6.35 3.59
N VAL B 127 10.61 -6.74 4.87
CA VAL B 127 9.75 -7.78 5.40
C VAL B 127 8.57 -6.97 5.96
N VAL B 128 7.36 -7.16 5.41
CA VAL B 128 6.17 -6.39 5.82
C VAL B 128 5.63 -6.84 7.18
N VAL B 129 5.37 -5.87 8.08
CA VAL B 129 4.84 -6.12 9.42
C VAL B 129 3.45 -5.50 9.61
N ASP B 130 2.62 -6.09 10.49
CA ASP B 130 1.27 -5.60 10.82
C ASP B 130 1.33 -4.51 11.89
N ASP B 131 0.14 -4.03 12.34
CA ASP B 131 0.01 -2.99 13.39
C ASP B 131 0.72 -3.30 14.72
N ARG B 132 0.78 -4.58 15.15
CA ARG B 132 1.51 -4.91 16.37
C ARG B 132 3.02 -5.02 16.16
N GLY B 133 3.44 -5.18 14.90
CA GLY B 133 4.84 -5.27 14.50
C GLY B 133 5.33 -6.69 14.23
N ARG B 134 4.38 -7.61 13.98
CA ARG B 134 4.62 -9.02 13.69
C ARG B 134 4.66 -9.22 12.19
N ALA B 135 5.52 -10.15 11.72
CA ALA B 135 5.71 -10.49 10.30
C ALA B 135 4.45 -11.02 9.65
N THR B 136 4.12 -10.47 8.47
CA THR B 136 2.95 -10.90 7.74
C THR B 136 3.21 -12.19 6.98
N GLY B 137 4.47 -12.44 6.65
CA GLY B 137 4.94 -13.57 5.85
C GLY B 137 5.16 -13.12 4.42
N LYS B 138 4.92 -11.82 4.18
CA LYS B 138 5.07 -11.14 2.90
C LYS B 138 6.17 -10.11 3.00
N GLY B 139 6.76 -9.80 1.85
CA GLY B 139 7.81 -8.80 1.72
C GLY B 139 7.94 -8.34 0.28
N PHE B 140 8.83 -7.38 0.04
CA PHE B 140 9.07 -6.90 -1.32
C PHE B 140 10.53 -6.73 -1.54
N VAL B 141 10.97 -6.89 -2.78
CA VAL B 141 12.37 -6.76 -3.12
C VAL B 141 12.46 -5.90 -4.37
N GLU B 142 13.22 -4.82 -4.29
CA GLU B 142 13.44 -3.94 -5.44
C GLU B 142 14.91 -4.02 -5.85
N PHE B 143 15.16 -4.44 -7.11
CA PHE B 143 16.51 -4.55 -7.67
C PHE B 143 16.87 -3.29 -8.43
N ALA B 144 18.19 -3.03 -8.58
CA ALA B 144 18.71 -1.87 -9.31
C ALA B 144 18.34 -1.93 -10.78
N ALA B 145 18.22 -3.15 -11.35
CA ALA B 145 17.86 -3.33 -12.75
C ALA B 145 16.88 -4.50 -12.95
N LYS B 146 16.21 -4.50 -14.11
CA LYS B 146 15.22 -5.50 -14.50
C LYS B 146 15.80 -6.90 -14.75
N PRO B 147 16.99 -7.09 -15.40
CA PRO B 147 17.51 -8.45 -15.56
C PRO B 147 17.68 -9.23 -14.23
N PRO B 148 18.29 -8.70 -13.11
CA PRO B 148 18.32 -9.47 -11.86
C PRO B 148 16.93 -9.80 -11.31
N ALA B 149 15.93 -8.90 -11.46
CA ALA B 149 14.57 -9.18 -10.97
C ALA B 149 13.92 -10.33 -11.76
N ARG B 150 14.14 -10.40 -13.11
CA ARG B 150 13.62 -11.47 -13.99
C ARG B 150 14.29 -12.81 -13.64
N LYS B 151 15.62 -12.82 -13.42
CA LYS B 151 16.45 -13.97 -12.99
C LYS B 151 15.84 -14.53 -11.69
N ALA B 152 15.63 -13.62 -10.69
CA ALA B 152 15.01 -13.88 -9.39
C ALA B 152 13.64 -14.51 -9.57
N LEU B 153 12.79 -13.89 -10.43
CA LEU B 153 11.43 -14.37 -10.74
C LEU B 153 11.42 -15.76 -11.41
N GLU B 154 12.24 -15.96 -12.45
CA GLU B 154 12.30 -17.21 -13.19
C GLU B 154 12.86 -18.36 -12.36
N ARG B 155 14.02 -18.16 -11.71
CA ARG B 155 14.67 -19.18 -10.87
C ARG B 155 13.85 -19.61 -9.65
N CYS B 156 13.16 -18.66 -8.99
CA CYS B 156 12.33 -18.97 -7.83
C CYS B 156 11.00 -19.62 -8.19
N GLY B 157 10.60 -19.46 -9.44
CA GLY B 157 9.38 -20.05 -9.97
C GLY B 157 9.59 -21.52 -10.32
N ASP B 158 10.69 -21.81 -11.03
CA ASP B 158 10.98 -23.18 -11.43
C ASP B 158 11.54 -23.99 -10.30
N GLY B 159 12.59 -23.48 -9.66
CA GLY B 159 13.24 -24.15 -8.53
C GLY B 159 12.66 -23.77 -7.18
N ALA B 160 13.31 -24.24 -6.12
CA ALA B 160 12.84 -23.94 -4.77
C ALA B 160 13.87 -23.08 -4.04
N PHE B 161 13.58 -21.78 -3.89
CA PHE B 161 14.48 -20.89 -3.19
C PHE B 161 14.18 -20.92 -1.71
N LEU B 162 15.19 -21.26 -0.89
CA LEU B 162 15.01 -21.39 0.57
C LEU B 162 15.80 -20.32 1.27
N LEU B 163 15.22 -19.67 2.28
CA LEU B 163 15.93 -18.62 3.01
C LEU B 163 16.42 -19.11 4.37
N THR B 164 15.78 -20.16 4.86
CA THR B 164 16.01 -20.74 6.17
C THR B 164 16.40 -22.21 6.06
N THR B 165 16.78 -22.80 7.20
CA THR B 165 17.12 -24.22 7.33
C THR B 165 15.93 -25.08 6.84
N THR B 166 14.72 -24.87 7.41
CA THR B 166 13.51 -25.58 6.99
C THR B 166 13.22 -25.27 5.53
N PRO B 167 13.05 -26.31 4.67
CA PRO B 167 12.81 -26.06 3.24
C PRO B 167 11.42 -25.53 2.89
N ARG B 168 11.11 -24.32 3.38
CA ARG B 168 9.89 -23.57 3.11
C ARG B 168 10.25 -22.70 1.89
N PRO B 169 9.75 -22.98 0.67
CA PRO B 169 10.15 -22.17 -0.48
C PRO B 169 9.45 -20.81 -0.55
N VAL B 170 10.20 -19.83 -1.03
CA VAL B 170 9.69 -18.49 -1.18
C VAL B 170 8.93 -18.32 -2.50
N ILE B 171 7.78 -17.62 -2.43
CA ILE B 171 6.89 -17.35 -3.57
C ILE B 171 7.21 -15.97 -4.10
N VAL B 172 7.75 -15.92 -5.31
CA VAL B 172 8.15 -14.66 -5.92
C VAL B 172 7.21 -14.29 -7.08
N GLU B 173 6.57 -13.12 -7.00
CA GLU B 173 5.65 -12.61 -8.02
C GLU B 173 6.04 -11.17 -8.34
N PRO B 174 5.76 -10.63 -9.56
CA PRO B 174 6.02 -9.21 -9.78
C PRO B 174 5.15 -8.37 -8.84
N MET B 175 5.68 -7.23 -8.32
CA MET B 175 4.90 -6.37 -7.42
C MET B 175 3.79 -5.73 -8.20
N GLU B 176 2.54 -5.86 -7.70
CA GLU B 176 1.39 -5.26 -8.36
C GLU B 176 1.39 -3.80 -8.01
N GLN B 177 1.37 -2.94 -9.03
CA GLN B 177 1.43 -1.49 -8.83
C GLN B 177 0.05 -0.91 -8.66
N PHE B 178 -0.18 -0.25 -7.52
CA PHE B 178 -1.46 0.36 -7.18
C PHE B 178 -1.21 1.74 -6.64
N ASP B 179 -2.10 2.67 -7.01
CA ASP B 179 -2.01 4.04 -6.60
C ASP B 179 -3.02 4.30 -5.50
N ASP B 180 -2.50 4.67 -4.33
CA ASP B 180 -3.27 5.00 -3.11
C ASP B 180 -3.27 6.54 -2.89
N GLU B 181 -2.73 7.32 -3.86
CA GLU B 181 -2.64 8.78 -3.76
C GLU B 181 -3.61 9.54 -4.67
N ASP B 182 -3.51 9.33 -6.01
CA ASP B 182 -4.35 10.02 -6.99
C ASP B 182 -5.71 9.37 -7.12
N GLY B 183 -5.73 8.04 -7.25
CA GLY B 183 -6.93 7.21 -7.35
C GLY B 183 -7.76 7.44 -8.59
N LEU B 184 -9.07 7.67 -8.40
CA LEU B 184 -9.99 7.96 -9.48
C LEU B 184 -10.64 9.35 -9.42
N PRO B 185 -9.94 10.39 -9.93
CA PRO B 185 -10.54 11.73 -9.95
C PRO B 185 -11.66 11.82 -10.95
N GLU B 186 -12.64 12.67 -10.64
CA GLU B 186 -13.81 12.97 -11.45
C GLU B 186 -13.40 13.46 -12.85
N LYS B 187 -12.35 14.30 -12.94
CA LYS B 187 -11.81 14.82 -14.19
C LYS B 187 -11.30 13.76 -15.16
N LEU B 188 -10.78 12.64 -14.64
CA LEU B 188 -10.28 11.55 -15.49
C LEU B 188 -11.36 10.52 -15.84
N MET B 189 -12.53 10.63 -15.20
CA MET B 189 -13.66 9.72 -15.38
C MET B 189 -14.61 10.16 -16.50
N GLN B 190 -14.81 9.28 -17.49
CA GLN B 190 -15.71 9.56 -18.61
C GLN B 190 -17.18 9.60 -18.14
N LYS B 191 -17.92 10.65 -18.57
CA LYS B 191 -19.31 10.86 -18.20
C LYS B 191 -20.24 10.14 -19.18
N THR B 192 -20.13 8.81 -19.18
CA THR B 192 -20.91 7.91 -20.04
C THR B 192 -22.37 7.82 -19.54
N GLN B 193 -23.29 7.23 -20.34
CA GLN B 193 -24.71 7.06 -19.97
C GLN B 193 -24.91 5.99 -18.86
N GLN B 194 -23.89 5.13 -18.64
CA GLN B 194 -23.86 4.14 -17.56
C GLN B 194 -23.45 4.85 -16.27
N TYR B 195 -22.42 5.74 -16.32
CA TYR B 195 -21.96 6.59 -15.20
C TYR B 195 -23.20 7.34 -14.69
N HIS B 196 -23.94 7.97 -15.63
CA HIS B 196 -25.15 8.76 -15.43
C HIS B 196 -26.33 8.00 -14.88
N LYS B 197 -26.49 6.75 -15.27
CA LYS B 197 -27.54 5.88 -14.79
C LYS B 197 -27.19 5.35 -13.41
N GLU B 198 -25.92 4.98 -13.18
CA GLU B 198 -25.49 4.49 -11.88
C GLU B 198 -25.49 5.59 -10.83
N ARG B 199 -25.17 6.82 -11.20
CA ARG B 199 -25.15 7.93 -10.24
C ARG B 199 -26.50 8.62 -10.04
N GLU B 200 -27.59 8.12 -10.69
CA GLU B 200 -28.97 8.65 -10.57
C GLU B 200 -29.41 8.72 -9.11
N GLN B 201 -29.28 7.59 -8.40
CA GLN B 201 -29.62 7.48 -6.99
C GLN B 201 -28.41 7.80 -6.14
N PRO B 202 -28.58 8.72 -5.15
CA PRO B 202 -27.44 9.12 -4.31
C PRO B 202 -27.04 8.07 -3.28
N PRO B 203 -25.86 8.22 -2.63
CA PRO B 203 -25.50 7.27 -1.56
C PRO B 203 -26.55 7.27 -0.46
N ARG B 204 -27.00 6.09 -0.09
CA ARG B 204 -28.09 5.93 0.85
C ARG B 204 -28.11 4.56 1.51
N PHE B 205 -28.86 4.45 2.60
CA PHE B 205 -29.04 3.14 3.22
C PHE B 205 -30.28 2.55 2.59
N ALA B 206 -30.20 1.26 2.21
CA ALA B 206 -31.32 0.52 1.61
C ALA B 206 -32.33 0.36 2.74
N GLN B 207 -33.56 0.77 2.46
CA GLN B 207 -34.63 0.75 3.45
C GLN B 207 -35.24 -0.65 3.61
N PRO B 208 -35.31 -1.20 4.85
CA PRO B 208 -35.93 -2.53 5.03
C PRO B 208 -37.31 -2.65 4.42
N GLY B 209 -37.55 -3.76 3.75
CA GLY B 209 -38.82 -4.05 3.10
C GLY B 209 -38.80 -3.74 1.62
N THR B 210 -37.96 -2.78 1.18
CA THR B 210 -37.90 -2.38 -0.22
C THR B 210 -37.27 -3.43 -1.10
N PHE B 211 -37.47 -3.29 -2.44
CA PHE B 211 -36.86 -4.17 -3.43
C PHE B 211 -35.35 -4.03 -3.33
N GLU B 212 -34.82 -2.77 -3.19
CA GLU B 212 -33.39 -2.51 -3.07
C GLU B 212 -32.81 -3.25 -1.90
N PHE B 213 -33.48 -3.21 -0.72
CA PHE B 213 -33.03 -3.87 0.50
C PHE B 213 -32.97 -5.34 0.34
N GLU B 214 -33.97 -5.95 -0.33
CA GLU B 214 -34.01 -7.39 -0.57
C GLU B 214 -32.82 -7.82 -1.42
N TYR B 215 -32.53 -7.06 -2.49
CA TYR B 215 -31.43 -7.32 -3.39
C TYR B 215 -30.12 -7.14 -2.66
N ALA B 216 -29.99 -6.02 -1.91
CA ALA B 216 -28.80 -5.74 -1.15
C ALA B 216 -28.61 -6.75 -0.01
N SER B 217 -29.70 -7.33 0.59
CA SER B 217 -29.59 -8.36 1.64
C SER B 217 -28.98 -9.62 1.04
N ARG B 218 -29.41 -9.98 -0.19
CA ARG B 218 -28.93 -11.14 -0.93
C ARG B 218 -27.45 -10.99 -1.27
N TRP B 219 -27.05 -9.76 -1.63
CA TRP B 219 -25.66 -9.43 -1.93
C TRP B 219 -24.81 -9.51 -0.67
N LYS B 220 -25.34 -9.05 0.50
CA LYS B 220 -24.65 -9.15 1.80
C LYS B 220 -24.46 -10.63 2.17
N ALA B 221 -25.50 -11.46 1.96
CA ALA B 221 -25.45 -12.89 2.22
C ALA B 221 -24.43 -13.60 1.32
N LEU B 222 -24.30 -13.17 0.05
CA LEU B 222 -23.35 -13.72 -0.94
C LEU B 222 -21.94 -13.37 -0.52
N ASP B 223 -21.73 -12.13 0.01
CA ASP B 223 -20.45 -11.66 0.53
C ASP B 223 -20.08 -12.43 1.76
N GLU B 224 -21.08 -12.86 2.56
CA GLU B 224 -20.83 -13.66 3.76
C GLU B 224 -20.38 -15.05 3.40
N MET B 225 -21.03 -15.67 2.39
CA MET B 225 -20.67 -16.99 1.84
C MET B 225 -19.22 -16.95 1.29
N GLU B 226 -18.87 -15.88 0.54
CA GLU B 226 -17.52 -15.70 0.01
C GLU B 226 -16.51 -15.67 1.14
N LYS B 227 -16.77 -14.89 2.20
CA LYS B 227 -15.93 -14.77 3.39
C LYS B 227 -15.78 -16.13 4.06
N GLN B 228 -16.88 -16.89 4.25
CA GLN B 228 -16.85 -18.21 4.87
C GLN B 228 -16.02 -19.21 4.07
N GLN B 229 -16.18 -19.22 2.73
CA GLN B 229 -15.47 -20.13 1.83
C GLN B 229 -13.96 -19.81 1.80
N ARG B 230 -13.62 -18.53 1.76
CA ARG B 230 -12.23 -18.07 1.75
C ARG B 230 -11.54 -18.43 3.07
N GLU B 231 -12.26 -18.30 4.19
CA GLU B 231 -11.75 -18.69 5.51
C GLU B 231 -11.60 -20.20 5.59
N GLN B 232 -12.50 -20.97 4.93
CA GLN B 232 -12.42 -22.42 4.86
C GLN B 232 -11.16 -22.85 4.06
N VAL B 233 -10.81 -22.10 2.99
CA VAL B 233 -9.60 -22.34 2.18
C VAL B 233 -8.34 -22.10 3.02
N ASP B 234 -8.30 -20.99 3.81
CA ASP B 234 -7.20 -20.64 4.73
C ASP B 234 -6.98 -21.75 5.76
N ARG B 235 -8.07 -22.34 6.25
CA ARG B 235 -8.07 -23.42 7.23
C ARG B 235 -7.52 -24.71 6.61
N ASN B 236 -8.00 -25.09 5.40
CA ASN B 236 -7.59 -26.30 4.64
C ASN B 236 -6.09 -26.27 4.34
N ILE B 237 -5.56 -25.08 3.98
CA ILE B 237 -4.14 -24.83 3.70
C ILE B 237 -3.30 -25.10 4.95
N ARG B 238 -3.83 -24.73 6.12
CA ARG B 238 -3.16 -24.99 7.40
C ARG B 238 -3.15 -26.47 7.76
N GLU B 239 -4.30 -27.18 7.63
CA GLU B 239 -4.45 -28.63 7.88
C GLU B 239 -3.49 -29.46 6.99
N ALA B 240 -3.42 -29.09 5.70
CA ALA B 240 -2.55 -29.71 4.70
C ALA B 240 -1.07 -29.50 5.03
N LYS B 241 -0.66 -28.27 5.47
CA LYS B 241 0.72 -27.94 5.86
C LYS B 241 1.14 -28.73 7.12
N GLU B 242 0.21 -28.85 8.10
CA GLU B 242 0.46 -29.58 9.34
C GLU B 242 0.55 -31.10 9.13
N LYS B 243 -0.16 -31.65 8.11
CA LYS B 243 -0.16 -33.08 7.80
C LYS B 243 0.97 -33.54 6.86
N LEU B 244 1.63 -32.57 6.19
CA LEU B 244 2.79 -32.73 5.30
C LEU B 244 4.08 -32.65 6.10
N GLU B 245 4.22 -31.65 7.00
CA GLU B 245 5.40 -31.40 7.85
C GLU B 245 5.57 -32.47 8.94
N ALA B 246 4.51 -33.31 9.14
CA ALA B 246 4.41 -34.43 10.09
C ALA B 246 4.74 -35.77 9.42
N GLU B 247 4.80 -35.76 8.09
CA GLU B 247 5.12 -36.88 7.23
C GLU B 247 6.56 -36.74 6.73
N MET B 248 6.92 -35.53 6.28
CA MET B 248 8.24 -35.22 5.72
C MET B 248 9.35 -35.23 6.75
N GLU B 249 9.08 -34.76 8.00
CA GLU B 249 10.06 -34.77 9.09
C GLU B 249 10.36 -36.21 9.56
N ALA B 250 9.41 -37.14 9.31
CA ALA B 250 9.54 -38.57 9.57
C ALA B 250 10.30 -39.19 8.38
N ALA B 251 9.92 -38.82 7.11
CA ALA B 251 10.57 -39.27 5.87
C ALA B 251 12.01 -38.75 5.74
N ARG B 252 12.39 -37.72 6.56
CA ARG B 252 13.74 -37.11 6.67
C ARG B 252 14.79 -38.18 7.02
N HIS B 253 14.32 -39.39 7.35
CA HIS B 253 15.13 -40.55 7.70
C HIS B 253 14.93 -41.71 6.69
N GLU B 254 14.97 -41.37 5.38
CA GLU B 254 14.81 -42.33 4.28
C GLU B 254 16.13 -42.56 3.54
N HIS B 255 16.90 -41.47 3.29
CA HIS B 255 18.19 -41.52 2.59
C HIS B 255 19.35 -41.24 3.54
#